data_7MKS
#
_entry.id   7MKS
#
_cell.length_a   66.235
_cell.length_b   66.235
_cell.length_c   127.176
_cell.angle_alpha   90.000
_cell.angle_beta   90.000
_cell.angle_gamma   120.000
#
_symmetry.space_group_name_H-M   'P 31 2 1'
#
loop_
_entity.id
_entity.type
_entity.pdbx_description
1 polymer 'Glycoside hydrolase, family 6'
2 branched beta-D-glucopyranose-(1-4)-beta-D-glucopyranose
3 non-polymer 'ZINC ION'
4 non-polymer 'CHLORIDE ION'
5 non-polymer 'SODIUM ION'
6 non-polymer 'ACETATE ION'
7 non-polymer GLYCEROL
8 water water
#
_entity_poly.entity_id   1
_entity_poly.type   'polypeptide(L)'
_entity_poly.pdbx_seq_one_letter_code
;GTTVTDCTPGPNQNGVTSVQGDEYRVQTNEWNSSAQQCLTINTATGAWTVSTANFSGGTGGAPATYPSIYKGCHWGNCTT
KNVGMPIQISQIGSAVTSWSTTQVSSGAYDVAYDIWTNSTPTTTGQPNGTEIMIWLNSRGGVQPFGSQTATGVTVAGHTW
NVWQGQQTSWKIISYVLTPGATSISNLDLKAIFADAAARGSLNTSDYLLDVEAGFEIWQGGQGLGSNSFSVSVTSGASHH
HHHH
;
_entity_poly.pdbx_strand_id   AAA
#
# COMPACT_ATOMS: atom_id res chain seq x y z
N THR A 2 -17.84 1.31 15.37
CA THR A 2 -17.25 2.22 16.41
C THR A 2 -15.81 2.62 16.06
N THR A 3 -15.24 3.43 16.94
CA THR A 3 -13.86 3.94 16.82
C THR A 3 -12.98 3.15 17.78
N VAL A 4 -11.84 2.72 17.33
CA VAL A 4 -10.92 1.92 18.17
C VAL A 4 -9.57 2.62 18.09
N THR A 5 -8.78 2.52 19.14
CA THR A 5 -7.42 3.12 19.15
C THR A 5 -6.42 1.99 19.37
N ASP A 6 -5.38 1.92 18.54
CA ASP A 6 -4.40 0.82 18.64
C ASP A 6 -3.00 1.43 18.66
N CYS A 7 -2.26 1.25 19.77
N CYS A 7 -2.23 1.19 19.71
CA CYS A 7 -0.90 1.81 19.95
CA CYS A 7 -0.88 1.78 19.84
C CYS A 7 0.12 0.64 19.97
C CYS A 7 0.15 0.65 19.93
N THR A 8 -0.21 -0.57 19.50
CA THR A 8 0.69 -1.77 19.55
C THR A 8 2.13 -1.36 19.19
N PRO A 9 3.06 -1.44 20.15
CA PRO A 9 4.45 -1.11 19.89
C PRO A 9 5.20 -2.13 19.05
N GLY A 10 5.90 -1.63 18.05
CA GLY A 10 6.87 -2.46 17.32
C GLY A 10 8.12 -2.67 18.18
N PRO A 11 9.19 -3.25 17.62
CA PRO A 11 9.24 -3.73 16.23
C PRO A 11 8.68 -5.12 15.87
N ASN A 12 8.23 -5.88 16.85
CA ASN A 12 7.93 -7.32 16.68
C ASN A 12 6.44 -7.62 16.80
N GLN A 13 5.61 -6.63 17.08
CA GLN A 13 4.17 -6.88 17.24
C GLN A 13 3.48 -6.03 16.17
N ASN A 14 2.37 -6.51 15.66
CA ASN A 14 1.56 -5.81 14.64
C ASN A 14 0.12 -5.82 15.12
N GLY A 15 -0.50 -4.67 15.41
CA GLY A 15 -1.92 -4.59 15.80
C GLY A 15 -2.79 -4.45 14.54
N VAL A 16 -3.74 -5.37 14.35
CA VAL A 16 -4.53 -5.43 13.10
C VAL A 16 -6.01 -5.36 13.45
N THR A 17 -6.72 -4.43 12.81
CA THR A 17 -8.14 -4.15 13.10
C THR A 17 -8.93 -4.40 11.83
N SER A 18 -9.96 -5.23 11.93
N SER A 18 -9.95 -5.26 11.91
CA SER A 18 -10.90 -5.50 10.81
CA SER A 18 -10.92 -5.45 10.79
C SER A 18 -11.88 -4.34 10.65
C SER A 18 -11.79 -4.21 10.67
N VAL A 19 -12.05 -3.80 9.44
CA VAL A 19 -13.02 -2.70 9.14
C VAL A 19 -13.93 -3.14 7.98
N GLN A 20 -15.08 -2.50 7.88
CA GLN A 20 -16.04 -2.67 6.78
C GLN A 20 -16.29 -4.15 6.53
N GLY A 21 -16.67 -4.86 7.58
CA GLY A 21 -17.04 -6.28 7.50
C GLY A 21 -15.87 -7.15 7.06
N ASP A 22 -14.65 -6.71 7.34
CA ASP A 22 -13.40 -7.47 7.05
C ASP A 22 -13.17 -7.49 5.54
N GLU A 23 -13.63 -6.49 4.82
CA GLU A 23 -13.15 -6.25 3.44
C GLU A 23 -11.76 -5.58 3.50
N TYR A 24 -11.45 -4.88 4.58
CA TYR A 24 -10.13 -4.21 4.72
C TYR A 24 -9.64 -4.45 6.14
N ARG A 25 -8.33 -4.41 6.33
CA ARG A 25 -7.71 -4.44 7.66
C ARG A 25 -6.74 -3.25 7.78
N VAL A 26 -6.72 -2.66 8.97
CA VAL A 26 -5.82 -1.51 9.29
C VAL A 26 -4.76 -2.05 10.26
N GLN A 27 -3.50 -1.87 9.94
CA GLN A 27 -2.38 -2.43 10.72
C GLN A 27 -1.46 -1.32 11.25
N THR A 28 -1.05 -1.42 12.51
CA THR A 28 -0.05 -0.46 13.09
C THR A 28 1.28 -0.65 12.36
N ASN A 29 1.73 -1.90 12.21
CA ASN A 29 2.90 -2.29 11.37
C ASN A 29 4.12 -1.41 11.67
N GLU A 30 4.44 -1.24 12.95
CA GLU A 30 5.57 -0.40 13.38
C GLU A 30 6.83 -1.25 13.29
N TRP A 31 7.22 -1.61 12.09
CA TRP A 31 8.13 -2.75 11.90
C TRP A 31 9.57 -2.41 12.23
N ASN A 32 9.91 -1.15 12.47
CA ASN A 32 11.33 -0.78 12.70
C ASN A 32 11.45 0.24 13.82
N SER A 33 10.58 0.21 14.82
CA SER A 33 10.64 1.16 15.94
C SER A 33 9.80 0.67 17.13
N SER A 34 10.16 1.08 18.35
CA SER A 34 9.28 0.98 19.53
C SER A 34 8.81 2.37 19.99
N ALA A 35 9.00 3.41 19.23
CA ALA A 35 8.52 4.76 19.61
C ALA A 35 7.00 4.80 19.58
N GLN A 36 6.41 5.71 20.34
CA GLN A 36 4.94 5.72 20.48
C GLN A 36 4.34 6.01 19.09
N GLN A 37 3.37 5.20 18.73
CA GLN A 37 2.55 5.37 17.51
C GLN A 37 1.16 4.85 17.86
N CYS A 38 0.16 5.71 17.75
N CYS A 38 0.15 5.70 17.66
CA CYS A 38 -1.26 5.35 17.93
CA CYS A 38 -1.26 5.39 17.98
C CYS A 38 -2.02 5.63 16.63
C CYS A 38 -2.15 5.70 16.78
N LEU A 39 -2.90 4.70 16.30
CA LEU A 39 -3.88 4.89 15.22
C LEU A 39 -5.26 4.94 15.83
N THR A 40 -6.09 5.83 15.32
CA THR A 40 -7.52 5.84 15.68
C THR A 40 -8.25 5.44 14.40
N ILE A 41 -9.14 4.46 14.52
CA ILE A 41 -9.71 3.74 13.35
C ILE A 41 -11.23 3.75 13.48
N ASN A 42 -11.88 4.14 12.44
CA ASN A 42 -13.35 3.97 12.32
C ASN A 42 -13.60 2.61 11.64
N THR A 43 -14.19 1.66 12.35
CA THR A 43 -14.40 0.29 11.81
C THR A 43 -15.60 0.23 10.85
N ALA A 44 -16.48 1.24 10.86
CA ALA A 44 -17.61 1.30 9.91
C ALA A 44 -17.15 1.83 8.56
N THR A 45 -16.29 2.83 8.53
CA THR A 45 -15.90 3.54 7.28
C THR A 45 -14.49 3.15 6.81
N GLY A 46 -13.67 2.58 7.68
CA GLY A 46 -12.26 2.31 7.42
C GLY A 46 -11.38 3.56 7.52
N ALA A 47 -11.94 4.75 7.76
CA ALA A 47 -11.11 5.95 7.98
C ALA A 47 -10.19 5.72 9.18
N TRP A 48 -8.98 6.22 9.11
CA TRP A 48 -8.05 6.10 10.26
C TRP A 48 -7.08 7.27 10.26
N THR A 49 -6.52 7.53 11.44
N THR A 49 -6.46 7.48 11.41
CA THR A 49 -5.53 8.60 11.64
CA THR A 49 -5.49 8.59 11.57
C THR A 49 -4.38 8.09 12.48
C THR A 49 -4.40 8.22 12.55
N VAL A 50 -3.20 8.68 12.25
CA VAL A 50 -2.03 8.55 13.17
C VAL A 50 -2.27 9.64 14.22
N SER A 51 -2.93 9.27 15.29
CA SER A 51 -3.43 10.23 16.31
C SER A 51 -2.29 10.64 17.26
N THR A 52 -1.26 9.82 17.40
CA THR A 52 -0.07 10.15 18.22
C THR A 52 1.17 9.55 17.54
N ALA A 53 2.16 10.38 17.25
CA ALA A 53 3.45 9.93 16.69
C ALA A 53 4.40 11.12 16.68
N ASN A 54 5.67 10.88 16.94
CA ASN A 54 6.66 11.97 16.73
C ASN A 54 8.00 11.27 16.52
N PHE A 55 8.13 10.60 15.38
CA PHE A 55 9.34 9.81 15.09
C PHE A 55 10.52 10.76 14.97
N SER A 56 11.68 10.22 15.35
CA SER A 56 12.98 10.93 15.36
C SER A 56 14.02 10.06 14.64
N GLY A 57 14.89 10.65 13.85
CA GLY A 57 15.88 9.86 13.10
C GLY A 57 16.19 10.54 11.80
N GLY A 58 17.08 9.94 11.02
CA GLY A 58 17.52 10.48 9.75
C GLY A 58 16.48 10.17 8.68
N THR A 59 16.66 10.71 7.49
CA THR A 59 15.70 10.54 6.38
C THR A 59 16.20 9.48 5.40
N GLY A 60 17.39 8.95 5.63
CA GLY A 60 17.97 7.89 4.77
C GLY A 60 17.61 6.53 5.29
N GLY A 61 17.71 5.49 4.46
CA GLY A 61 17.55 4.12 4.95
C GLY A 61 16.10 3.80 5.27
N ALA A 62 15.90 2.82 6.13
CA ALA A 62 14.55 2.31 6.41
C ALA A 62 13.77 3.34 7.22
N PRO A 63 12.44 3.41 6.99
CA PRO A 63 11.57 4.20 7.83
C PRO A 63 11.43 3.51 9.20
N ALA A 64 10.76 4.15 10.13
CA ALA A 64 10.44 3.58 11.45
C ALA A 64 9.27 2.57 11.38
N THR A 65 8.36 2.79 10.44
CA THR A 65 6.98 2.32 10.56
C THR A 65 6.28 2.38 9.20
N TYR A 66 5.22 1.60 9.01
CA TYR A 66 4.31 1.73 7.83
C TYR A 66 2.90 1.36 8.25
N PRO A 67 2.23 2.22 9.04
CA PRO A 67 0.81 2.00 9.38
C PRO A 67 0.02 2.12 8.06
N SER A 68 -0.96 1.24 7.86
CA SER A 68 -1.52 1.05 6.51
C SER A 68 -2.86 0.32 6.60
N ILE A 69 -3.62 0.46 5.53
CA ILE A 69 -4.86 -0.28 5.33
C ILE A 69 -4.63 -1.19 4.14
N TYR A 70 -5.23 -2.37 4.14
CA TYR A 70 -5.03 -3.24 2.97
C TYR A 70 -6.21 -4.16 2.71
N LYS A 71 -6.25 -4.62 1.47
CA LYS A 71 -7.07 -5.72 0.99
C LYS A 71 -6.12 -6.86 0.59
N GLY A 72 -6.44 -8.08 0.98
CA GLY A 72 -5.61 -9.24 0.66
C GLY A 72 -4.82 -9.70 1.89
N CYS A 73 -3.65 -10.29 1.65
N CYS A 73 -3.61 -10.16 1.64
CA CYS A 73 -2.81 -10.98 2.67
CA CYS A 73 -2.85 -10.90 2.65
C CYS A 73 -1.48 -10.25 2.90
C CYS A 73 -1.47 -10.28 2.90
N HIS A 74 -1.21 -9.88 4.16
CA HIS A 74 0.08 -9.33 4.62
C HIS A 74 0.71 -10.34 5.59
N TRP A 75 1.78 -10.97 5.18
CA TRP A 75 2.51 -11.92 6.03
C TRP A 75 1.50 -12.89 6.67
N GLY A 76 0.60 -13.43 5.87
CA GLY A 76 -0.37 -14.47 6.27
C GLY A 76 -1.56 -13.94 7.07
N ASN A 77 -1.70 -12.61 7.20
CA ASN A 77 -2.84 -12.01 7.92
C ASN A 77 -3.74 -11.48 6.81
N CYS A 78 -4.84 -12.16 6.54
CA CYS A 78 -5.62 -11.92 5.30
C CYS A 78 -7.04 -11.40 5.58
N THR A 79 -7.49 -10.49 4.73
CA THR A 79 -8.88 -9.99 4.75
C THR A 79 -9.76 -11.14 4.20
N THR A 80 -11.06 -11.06 4.44
CA THR A 80 -11.97 -12.22 4.20
C THR A 80 -13.24 -11.88 3.45
N LYS A 81 -13.46 -10.64 3.06
CA LYS A 81 -14.71 -10.27 2.34
C LYS A 81 -14.36 -9.68 1.00
N ASN A 82 -14.91 -10.24 -0.09
CA ASN A 82 -14.81 -9.65 -1.44
C ASN A 82 -13.36 -9.32 -1.81
N VAL A 83 -12.48 -10.33 -1.73
CA VAL A 83 -11.01 -10.08 -1.78
C VAL A 83 -10.56 -9.95 -3.24
N GLY A 84 -10.71 -11.00 -4.05
CA GLY A 84 -10.26 -10.97 -5.46
C GLY A 84 -8.80 -11.28 -5.60
N MET A 85 -8.10 -11.58 -4.49
CA MET A 85 -6.69 -12.01 -4.48
C MET A 85 -6.60 -13.21 -3.54
N PRO A 86 -5.62 -14.14 -3.71
CA PRO A 86 -4.58 -14.09 -4.73
C PRO A 86 -5.08 -14.37 -6.16
N ILE A 87 -4.42 -13.73 -7.11
CA ILE A 87 -4.73 -13.89 -8.55
C ILE A 87 -3.44 -13.74 -9.33
N GLN A 88 -3.21 -14.63 -10.31
CA GLN A 88 -2.11 -14.40 -11.26
C GLN A 88 -2.29 -13.08 -12.01
N ILE A 89 -1.23 -12.26 -12.02
N ILE A 89 -1.26 -12.26 -12.08
CA ILE A 89 -1.24 -10.91 -12.65
CA ILE A 89 -1.40 -10.89 -12.62
C ILE A 89 -1.85 -11.03 -14.04
C ILE A 89 -1.77 -10.94 -14.11
N SER A 90 -1.33 -11.98 -14.84
CA SER A 90 -1.71 -12.15 -16.27
C SER A 90 -3.19 -12.51 -16.39
N GLN A 91 -3.89 -12.86 -15.32
CA GLN A 91 -5.31 -13.32 -15.39
C GLN A 91 -6.24 -12.22 -14.87
N ILE A 92 -5.71 -11.05 -14.52
CA ILE A 92 -6.59 -9.97 -13.98
C ILE A 92 -7.43 -9.36 -15.13
N GLY A 93 -8.75 -9.25 -14.93
CA GLY A 93 -9.64 -8.50 -15.86
C GLY A 93 -9.55 -7.01 -15.62
N SER A 94 -9.71 -6.62 -14.35
CA SER A 94 -9.59 -5.19 -14.01
C SER A 94 -9.08 -5.09 -12.58
N ALA A 95 -8.37 -4.03 -12.30
CA ALA A 95 -7.85 -3.79 -10.95
C ALA A 95 -7.79 -2.29 -10.79
N VAL A 96 -8.59 -1.78 -9.87
N VAL A 96 -8.67 -1.75 -9.96
CA VAL A 96 -8.79 -0.31 -9.71
CA VAL A 96 -8.76 -0.27 -9.74
C VAL A 96 -8.77 0.03 -8.22
C VAL A 96 -8.67 0.00 -8.24
N THR A 97 -8.22 1.19 -7.89
CA THR A 97 -8.14 1.62 -6.49
C THR A 97 -8.34 3.14 -6.42
N SER A 98 -8.82 3.57 -5.27
CA SER A 98 -8.98 5.01 -4.95
C SER A 98 -8.47 5.19 -3.53
N TRP A 99 -7.89 6.34 -3.24
CA TRP A 99 -7.35 6.64 -1.90
C TRP A 99 -7.40 8.16 -1.69
N SER A 100 -8.02 8.57 -0.59
CA SER A 100 -8.09 9.99 -0.17
C SER A 100 -7.37 10.08 1.17
N THR A 101 -6.37 10.96 1.27
CA THR A 101 -5.53 11.07 2.46
C THR A 101 -5.63 12.45 3.11
N THR A 102 -5.14 12.49 4.34
N THR A 102 -5.19 12.53 4.35
CA THR A 102 -4.91 13.68 5.18
CA THR A 102 -4.92 13.82 5.01
C THR A 102 -3.40 13.79 5.40
C THR A 102 -3.45 13.83 5.38
N GLN A 103 -2.83 14.96 5.12
CA GLN A 103 -1.38 15.13 5.21
C GLN A 103 -1.12 16.35 6.07
N VAL A 104 0.11 16.42 6.57
N VAL A 104 0.09 16.42 6.64
CA VAL A 104 0.62 17.50 7.44
CA VAL A 104 0.56 17.52 7.51
C VAL A 104 1.92 18.03 6.82
C VAL A 104 1.94 18.00 6.99
N SER A 105 2.13 19.33 6.88
CA SER A 105 3.33 19.97 6.29
C SER A 105 4.48 20.00 7.28
N SER A 106 4.89 18.85 7.78
CA SER A 106 5.94 18.74 8.81
C SER A 106 6.46 17.30 8.79
N GLY A 107 7.72 17.11 9.11
CA GLY A 107 8.26 15.73 9.24
C GLY A 107 8.75 15.19 7.91
N ALA A 108 8.96 13.89 7.86
CA ALA A 108 9.62 13.20 6.73
C ALA A 108 8.92 11.87 6.57
N TYR A 109 8.21 11.71 5.45
CA TYR A 109 7.32 10.57 5.24
C TYR A 109 6.97 10.48 3.77
N ASP A 110 6.50 9.31 3.40
CA ASP A 110 5.82 9.12 2.09
C ASP A 110 4.37 8.73 2.33
N VAL A 111 3.61 8.87 1.27
CA VAL A 111 2.15 8.61 1.24
C VAL A 111 1.98 7.61 0.11
N ALA A 112 1.92 6.31 0.42
CA ALA A 112 2.23 5.32 -0.61
C ALA A 112 1.35 4.09 -0.50
N TYR A 113 0.98 3.60 -1.66
CA TYR A 113 0.60 2.18 -1.84
C TYR A 113 1.86 1.30 -1.76
N ASP A 114 1.64 0.10 -1.24
CA ASP A 114 2.61 -1.02 -1.19
C ASP A 114 1.86 -2.27 -1.65
N ILE A 115 2.23 -2.79 -2.80
CA ILE A 115 1.51 -3.90 -3.50
C ILE A 115 2.50 -5.05 -3.67
N TRP A 116 2.12 -6.23 -3.21
CA TRP A 116 3.05 -7.38 -3.16
C TRP A 116 2.66 -8.45 -4.16
N THR A 117 3.68 -9.03 -4.83
CA THR A 117 3.48 -10.22 -5.69
C THR A 117 4.45 -11.32 -5.25
N ASN A 118 4.13 -12.54 -5.60
CA ASN A 118 4.81 -13.72 -5.07
C ASN A 118 4.68 -14.87 -6.08
N SER A 119 5.68 -15.75 -6.13
CA SER A 119 5.71 -16.88 -7.13
C SER A 119 4.53 -17.83 -6.88
N THR A 120 4.10 -18.00 -5.64
CA THR A 120 3.01 -18.93 -5.28
C THR A 120 1.89 -18.10 -4.68
N PRO A 121 0.65 -18.61 -4.69
CA PRO A 121 -0.49 -17.82 -4.25
C PRO A 121 -0.53 -17.47 -2.77
N THR A 122 0.19 -18.20 -1.90
CA THR A 122 0.22 -17.92 -0.46
C THR A 122 1.67 -17.93 0.05
N THR A 123 1.90 -17.14 1.10
CA THR A 123 3.18 -17.16 1.86
C THR A 123 2.85 -16.75 3.29
N THR A 124 3.61 -17.23 4.26
CA THR A 124 3.49 -16.74 5.66
C THR A 124 4.43 -15.58 5.89
N GLY A 125 5.29 -15.20 4.93
CA GLY A 125 6.28 -14.15 5.22
C GLY A 125 6.55 -13.25 4.03
N GLN A 126 7.81 -12.96 3.84
CA GLN A 126 8.32 -11.96 2.85
C GLN A 126 7.98 -12.42 1.45
N PRO A 127 7.09 -11.74 0.71
CA PRO A 127 6.91 -12.05 -0.69
C PRO A 127 8.20 -12.02 -1.52
N ASN A 128 8.22 -12.83 -2.57
CA ASN A 128 9.46 -13.07 -3.32
C ASN A 128 9.39 -12.60 -4.78
N GLY A 129 8.36 -11.88 -5.17
CA GLY A 129 8.23 -11.36 -6.55
C GLY A 129 8.65 -9.91 -6.64
N THR A 130 7.65 -9.05 -6.67
CA THR A 130 7.81 -7.61 -6.79
C THR A 130 7.05 -6.90 -5.67
N GLU A 131 7.64 -5.82 -5.20
CA GLU A 131 6.98 -4.78 -4.38
C GLU A 131 6.75 -3.58 -5.31
N ILE A 132 5.49 -3.24 -5.58
N ILE A 132 5.50 -3.25 -5.61
CA ILE A 132 5.10 -2.04 -6.35
CA ILE A 132 5.15 -2.02 -6.36
C ILE A 132 4.67 -0.97 -5.36
C ILE A 132 4.68 -0.97 -5.37
N MET A 133 5.41 0.14 -5.31
CA MET A 133 5.03 1.26 -4.45
C MET A 133 4.43 2.33 -5.38
N ILE A 134 3.40 3.01 -4.88
CA ILE A 134 2.82 4.17 -5.63
C ILE A 134 2.79 5.35 -4.67
N TRP A 135 3.69 6.31 -4.88
CA TRP A 135 3.89 7.45 -3.96
C TRP A 135 2.97 8.58 -4.41
N LEU A 136 1.86 8.81 -3.71
CA LEU A 136 0.97 9.97 -4.02
C LEU A 136 1.74 11.24 -3.67
N ASN A 137 2.52 11.19 -2.60
CA ASN A 137 3.27 12.39 -2.13
C ASN A 137 4.39 11.97 -1.19
N SER A 138 5.31 12.89 -0.92
CA SER A 138 6.32 12.65 0.13
C SER A 138 6.86 14.00 0.54
N ARG A 139 7.57 14.06 1.66
CA ARG A 139 8.22 15.32 2.06
C ARG A 139 9.35 15.03 3.02
N GLY A 140 10.18 16.03 3.21
CA GLY A 140 11.19 16.03 4.28
C GLY A 140 12.47 15.39 3.80
N GLY A 141 12.63 15.20 2.49
CA GLY A 141 13.93 14.75 1.92
C GLY A 141 14.02 13.26 1.69
N VAL A 142 12.96 12.50 1.91
CA VAL A 142 13.03 11.04 1.68
C VAL A 142 12.99 10.76 0.17
N GLN A 143 13.47 9.60 -0.25
CA GLN A 143 13.38 9.18 -1.65
C GLN A 143 13.15 7.68 -1.65
N PRO A 144 12.69 7.18 -2.81
CA PRO A 144 12.45 5.76 -2.98
C PRO A 144 13.72 4.93 -2.92
N PHE A 145 13.51 3.63 -2.77
CA PHE A 145 14.58 2.61 -2.86
C PHE A 145 15.09 2.53 -4.29
N GLY A 146 16.39 2.30 -4.42
CA GLY A 146 17.06 2.06 -5.70
C GLY A 146 17.41 3.34 -6.40
N SER A 147 17.27 3.33 -7.71
CA SER A 147 17.69 4.43 -8.60
C SER A 147 16.51 4.93 -9.42
N GLN A 148 16.53 6.22 -9.76
CA GLN A 148 15.50 6.78 -10.65
C GLN A 148 15.86 6.40 -12.09
N THR A 149 15.01 5.66 -12.77
CA THR A 149 15.29 5.14 -14.14
C THR A 149 14.43 5.83 -15.20
N ALA A 150 13.39 6.57 -14.81
CA ALA A 150 12.59 7.32 -15.79
C ALA A 150 12.03 8.58 -15.13
N THR A 151 11.83 9.61 -15.92
CA THR A 151 11.38 10.94 -15.43
C THR A 151 10.19 11.38 -16.26
N GLY A 152 9.10 11.76 -15.60
CA GLY A 152 7.95 12.37 -16.29
C GLY A 152 7.31 11.46 -17.28
N VAL A 153 7.13 10.17 -16.97
CA VAL A 153 6.46 9.24 -17.90
C VAL A 153 4.95 9.24 -17.60
N THR A 154 4.15 8.95 -18.61
CA THR A 154 2.68 8.86 -18.49
C THR A 154 2.27 7.40 -18.35
N VAL A 155 1.64 7.06 -17.23
CA VAL A 155 1.17 5.67 -16.97
C VAL A 155 -0.19 5.78 -16.31
N ALA A 156 -1.16 5.01 -16.76
CA ALA A 156 -2.52 4.96 -16.20
C ALA A 156 -3.11 6.37 -16.06
N GLY A 157 -2.89 7.29 -16.99
CA GLY A 157 -3.52 8.62 -16.95
C GLY A 157 -2.82 9.66 -16.03
N HIS A 158 -1.64 9.37 -15.46
CA HIS A 158 -0.93 10.31 -14.56
C HIS A 158 0.54 10.40 -14.99
N THR A 159 1.25 11.36 -14.44
CA THR A 159 2.70 11.56 -14.70
C THR A 159 3.48 11.09 -13.48
N TRP A 160 4.57 10.36 -13.72
CA TRP A 160 5.38 9.75 -12.65
C TRP A 160 6.87 9.90 -12.93
N ASN A 161 7.65 9.83 -11.86
CA ASN A 161 9.07 9.41 -11.92
C ASN A 161 9.09 7.95 -11.49
N VAL A 162 9.94 7.16 -12.11
CA VAL A 162 9.99 5.71 -11.81
C VAL A 162 11.34 5.41 -11.16
N TRP A 163 11.32 4.70 -10.02
CA TRP A 163 12.52 4.24 -9.29
C TRP A 163 12.49 2.72 -9.28
N GLN A 164 13.61 2.07 -9.59
CA GLN A 164 13.69 0.60 -9.57
C GLN A 164 14.84 0.21 -8.66
N GLY A 165 14.70 -0.88 -7.91
CA GLY A 165 15.78 -1.38 -7.06
C GLY A 165 15.64 -2.88 -6.86
N GLN A 166 16.61 -3.43 -6.18
CA GLN A 166 16.71 -4.89 -5.91
C GLN A 166 16.80 -5.05 -4.41
N GLN A 167 15.83 -5.77 -3.84
CA GLN A 167 15.90 -6.16 -2.43
C GLN A 167 16.47 -7.56 -2.30
N THR A 168 16.55 -8.09 -1.08
CA THR A 168 17.32 -9.34 -0.81
C THR A 168 16.64 -10.52 -1.50
N SER A 169 15.32 -10.53 -1.61
CA SER A 169 14.64 -11.67 -2.28
C SER A 169 13.46 -11.18 -3.13
N TRP A 170 13.42 -9.90 -3.49
CA TRP A 170 12.34 -9.38 -4.36
C TRP A 170 12.82 -8.12 -5.05
N LYS A 171 12.13 -7.74 -6.10
CA LYS A 171 12.39 -6.52 -6.86
C LYS A 171 11.42 -5.45 -6.39
N ILE A 172 11.86 -4.22 -6.40
CA ILE A 172 11.00 -3.08 -6.07
C ILE A 172 10.92 -2.11 -7.24
N ILE A 173 9.71 -1.59 -7.46
CA ILE A 173 9.53 -0.47 -8.38
C ILE A 173 8.58 0.51 -7.68
N SER A 174 8.99 1.77 -7.67
CA SER A 174 8.22 2.86 -7.04
C SER A 174 7.83 3.90 -8.11
N TYR A 175 6.53 4.15 -8.22
CA TYR A 175 5.94 5.18 -9.12
C TYR A 175 5.69 6.44 -8.29
N VAL A 176 6.40 7.52 -8.58
CA VAL A 176 6.33 8.74 -7.74
C VAL A 176 5.46 9.76 -8.51
N LEU A 177 4.28 10.01 -8.01
CA LEU A 177 3.35 10.93 -8.71
C LEU A 177 4.03 12.27 -8.77
N THR A 178 4.06 12.92 -9.92
N THR A 178 4.09 12.91 -9.94
CA THR A 178 4.77 14.21 -10.07
CA THR A 178 4.80 14.20 -10.14
C THR A 178 3.87 15.17 -10.86
C THR A 178 3.90 15.20 -10.88
N PRO A 179 3.38 16.28 -10.26
CA PRO A 179 3.59 16.57 -8.85
C PRO A 179 2.76 15.72 -7.90
N GLY A 180 3.14 15.74 -6.62
CA GLY A 180 2.45 14.96 -5.59
C GLY A 180 1.06 15.51 -5.31
N ALA A 181 0.23 14.70 -4.68
CA ALA A 181 -1.18 15.08 -4.41
C ALA A 181 -1.64 14.37 -3.15
N THR A 182 -2.82 14.72 -2.67
CA THR A 182 -3.35 14.12 -1.41
C THR A 182 -4.39 13.04 -1.70
N SER A 183 -4.74 12.81 -2.95
CA SER A 183 -5.71 11.75 -3.29
C SER A 183 -5.51 11.29 -4.72
N ILE A 184 -6.03 10.09 -5.01
CA ILE A 184 -6.10 9.60 -6.39
C ILE A 184 -7.40 8.79 -6.51
N SER A 185 -8.02 8.87 -7.69
N SER A 185 -8.02 8.87 -7.69
CA SER A 185 -9.37 8.34 -7.98
CA SER A 185 -9.35 8.29 -7.98
C SER A 185 -9.30 7.36 -9.14
C SER A 185 -9.26 7.33 -9.15
N ASN A 186 -9.80 6.12 -8.97
CA ASN A 186 -9.97 5.12 -10.07
C ASN A 186 -8.62 4.86 -10.74
N LEU A 187 -7.57 4.73 -9.95
CA LEU A 187 -6.23 4.41 -10.50
C LEU A 187 -6.25 2.99 -11.09
N ASP A 188 -5.89 2.86 -12.36
CA ASP A 188 -5.87 1.58 -13.09
C ASP A 188 -4.60 0.80 -12.75
N LEU A 189 -4.68 -0.09 -11.78
CA LEU A 189 -3.50 -0.89 -11.38
C LEU A 189 -3.14 -1.88 -12.48
N LYS A 190 -4.10 -2.33 -13.27
CA LYS A 190 -3.75 -3.24 -14.40
C LYS A 190 -2.75 -2.50 -15.33
N ALA A 191 -2.96 -1.21 -15.61
CA ALA A 191 -2.06 -0.39 -16.41
C ALA A 191 -0.72 -0.23 -15.70
N ILE A 192 -0.71 -0.05 -14.38
CA ILE A 192 0.58 0.00 -13.63
C ILE A 192 1.31 -1.34 -13.79
N PHE A 193 0.62 -2.46 -13.63
CA PHE A 193 1.27 -3.80 -13.73
C PHE A 193 1.86 -4.01 -15.14
N ALA A 194 1.14 -3.58 -16.17
CA ALA A 194 1.61 -3.76 -17.57
C ALA A 194 2.89 -2.95 -17.74
N ASP A 195 2.91 -1.73 -17.20
CA ASP A 195 4.08 -0.85 -17.30
C ASP A 195 5.23 -1.50 -16.53
N ALA A 196 5.01 -1.94 -15.29
CA ALA A 196 6.07 -2.50 -14.42
C ALA A 196 6.70 -3.73 -15.13
N ALA A 197 5.86 -4.53 -15.78
CA ALA A 197 6.29 -5.72 -16.58
C ALA A 197 7.11 -5.26 -17.79
N ALA A 198 6.67 -4.22 -18.51
CA ALA A 198 7.43 -3.70 -19.67
C ALA A 198 8.78 -3.17 -19.19
N ARG A 199 8.88 -2.67 -17.97
CA ARG A 199 10.16 -2.12 -17.45
C ARG A 199 11.01 -3.24 -16.84
N GLY A 200 10.57 -4.49 -16.86
CA GLY A 200 11.38 -5.62 -16.37
C GLY A 200 11.34 -5.79 -14.86
N SER A 201 10.43 -5.12 -14.14
CA SER A 201 10.36 -5.23 -12.66
C SER A 201 9.36 -6.28 -12.22
N LEU A 202 8.48 -6.76 -13.08
CA LEU A 202 7.36 -7.64 -12.64
C LEU A 202 7.25 -8.82 -13.60
N ASN A 203 7.18 -10.04 -13.06
CA ASN A 203 6.84 -11.29 -13.79
C ASN A 203 5.34 -11.45 -13.70
N THR A 204 4.63 -11.38 -14.81
CA THR A 204 3.15 -11.41 -14.81
C THR A 204 2.60 -12.81 -14.51
N SER A 205 3.45 -13.84 -14.37
N SER A 205 3.44 -13.83 -14.32
CA SER A 205 3.05 -15.17 -13.83
CA SER A 205 3.00 -15.15 -13.81
C SER A 205 2.89 -15.14 -12.29
C SER A 205 3.03 -15.21 -12.27
N ASP A 206 3.44 -14.13 -11.59
CA ASP A 206 3.32 -13.99 -10.12
C ASP A 206 1.85 -13.84 -9.75
N TYR A 207 1.57 -14.15 -8.49
CA TYR A 207 0.28 -13.90 -7.82
C TYR A 207 0.35 -12.52 -7.16
N LEU A 208 -0.69 -11.72 -7.37
CA LEU A 208 -0.94 -10.49 -6.59
C LEU A 208 -1.49 -10.91 -5.21
N LEU A 209 -0.78 -10.58 -4.13
CA LEU A 209 -1.17 -11.01 -2.76
C LEU A 209 -2.05 -9.95 -2.09
N ASP A 210 -1.71 -8.68 -2.25
CA ASP A 210 -2.43 -7.61 -1.54
C ASP A 210 -2.16 -6.26 -2.15
N VAL A 211 -3.05 -5.33 -1.78
CA VAL A 211 -2.92 -3.89 -2.08
C VAL A 211 -3.04 -3.10 -0.78
N GLU A 212 -1.94 -2.48 -0.34
CA GLU A 212 -1.86 -1.76 0.95
C GLU A 212 -1.67 -0.27 0.64
N ALA A 213 -2.08 0.60 1.54
CA ALA A 213 -1.81 2.03 1.44
C ALA A 213 -1.59 2.62 2.82
N GLY A 214 -0.59 3.46 2.95
CA GLY A 214 -0.33 4.11 4.25
C GLY A 214 0.89 4.99 4.17
N PHE A 215 1.57 5.20 5.30
CA PHE A 215 2.63 6.21 5.40
C PHE A 215 3.91 5.56 5.92
N GLU A 216 4.96 5.56 5.11
CA GLU A 216 6.29 5.22 5.69
C GLU A 216 6.76 6.51 6.37
N ILE A 217 7.04 6.45 7.66
CA ILE A 217 7.41 7.66 8.44
C ILE A 217 8.83 7.50 8.97
N TRP A 218 9.64 8.54 8.71
CA TRP A 218 11.02 8.70 9.23
C TRP A 218 11.02 9.72 10.40
N GLN A 219 10.27 10.83 10.27
CA GLN A 219 10.25 11.95 11.24
C GLN A 219 8.82 12.45 11.36
N GLY A 220 8.36 12.64 12.58
CA GLY A 220 7.02 13.18 12.89
C GLY A 220 5.95 12.13 12.77
N GLY A 221 4.91 12.45 12.00
CA GLY A 221 3.89 11.48 11.60
C GLY A 221 2.52 11.82 12.13
N GLN A 222 2.44 12.65 13.21
CA GLN A 222 1.14 12.92 13.84
C GLN A 222 0.20 13.65 12.87
N GLY A 223 -1.04 13.16 12.74
CA GLY A 223 -2.07 13.82 11.95
C GLY A 223 -2.17 13.33 10.52
N LEU A 224 -1.30 12.40 10.11
CA LEU A 224 -1.45 11.70 8.81
C LEU A 224 -2.67 10.78 8.89
N GLY A 225 -3.43 10.69 7.79
CA GLY A 225 -4.56 9.74 7.87
C GLY A 225 -5.15 9.39 6.54
N SER A 226 -6.07 8.47 6.60
CA SER A 226 -6.75 7.87 5.44
C SER A 226 -8.24 8.22 5.56
N ASN A 227 -8.78 8.96 4.62
CA ASN A 227 -10.21 9.36 4.65
C ASN A 227 -11.07 8.27 4.04
N SER A 228 -10.65 7.69 2.92
CA SER A 228 -11.43 6.64 2.24
C SER A 228 -10.43 5.82 1.44
N PHE A 229 -10.73 4.57 1.25
CA PHE A 229 -9.81 3.65 0.53
C PHE A 229 -10.65 2.52 -0.08
N SER A 230 -10.43 2.25 -1.35
CA SER A 230 -11.12 1.12 -1.99
C SER A 230 -10.18 0.42 -2.97
N VAL A 231 -10.38 -0.89 -3.10
CA VAL A 231 -9.62 -1.73 -4.07
C VAL A 231 -10.66 -2.70 -4.64
N SER A 232 -10.62 -2.84 -5.96
CA SER A 232 -11.47 -3.82 -6.67
C SER A 232 -10.60 -4.56 -7.67
N VAL A 233 -10.43 -5.87 -7.48
CA VAL A 233 -9.64 -6.72 -8.42
C VAL A 233 -10.60 -7.80 -8.93
N THR A 234 -10.74 -7.92 -10.25
N THR A 234 -10.90 -7.84 -10.24
CA THR A 234 -11.72 -8.86 -10.89
CA THR A 234 -11.90 -8.77 -10.85
C THR A 234 -11.14 -9.53 -12.15
C THR A 234 -11.21 -9.90 -11.65
N SER A 235 -11.59 -10.77 -12.39
N SER A 235 -11.83 -11.09 -11.73
CA SER A 235 -12.55 -11.17 -13.47
CA SER A 235 -11.14 -12.35 -12.12
C SER A 235 -13.30 -12.47 -13.10
C SER A 235 -11.92 -13.20 -13.16
N GLY A 236 -12.89 -13.63 -13.62
N GLY A 236 -13.11 -13.73 -12.79
CA GLY A 236 -13.78 -14.81 -13.67
CA GLY A 236 -13.86 -14.80 -13.48
C GLY A 236 -14.91 -14.54 -14.66
C GLY A 236 -14.98 -14.31 -14.41
N ALA A 237 -16.16 -14.97 -14.41
CA ALA A 237 -17.28 -14.67 -15.36
C ALA A 237 -18.67 -14.50 -14.69
N SER A 238 -19.53 -13.65 -15.27
CA SER A 238 -20.90 -13.34 -14.77
C SER A 238 -21.68 -14.65 -14.60
N HIS A 239 -22.58 -14.69 -13.60
CA HIS A 239 -23.33 -15.90 -13.16
C HIS A 239 -24.10 -15.57 -11.88
N HIS A 240 -25.28 -14.97 -12.08
N HIS A 240 -25.40 -15.25 -11.97
CA HIS A 240 -26.38 -14.84 -11.08
CA HIS A 240 -26.31 -15.32 -10.80
C HIS A 240 -27.02 -16.23 -10.97
C HIS A 240 -27.10 -16.62 -10.91
N HIS A 241 -27.10 -16.79 -9.76
N HIS A 241 -27.53 -17.20 -9.77
CA HIS A 241 -27.43 -18.23 -9.51
CA HIS A 241 -27.76 -18.65 -9.61
C HIS A 241 -28.39 -18.32 -8.32
C HIS A 241 -28.57 -18.91 -8.33
#